data_9MQU
#
_entry.id   9MQU
#
_cell.length_a   1.00
_cell.length_b   1.00
_cell.length_c   1.00
_cell.angle_alpha   90.00
_cell.angle_beta   90.00
_cell.angle_gamma   90.00
#
_symmetry.space_group_name_H-M   'P 1'
#
loop_
_entity.id
_entity.type
_entity.pdbx_description
1 polymer 'RNA (332-MER)'
2 non-polymer N~4~-(2-aminoethyl)-N~4~-methylpyrimidine-2,4-diamine
3 non-polymer 'POTASSIUM ION'
4 non-polymer 'CALCIUM ION'
5 water water
#
_entity_poly.entity_id   1
_entity_poly.type   'polyribonucleotide'
_entity_poly.pdbx_seq_one_letter_code
;CGCUAGGGAUAAACUGUUUGUCCCUUUAUAUAGAGAUAUAUAGAAUAACAAUCGGGUGAAUUGCAAGAAUACCACCCACC
UCCUUUGGAGGUGGGUGACAAUUUGCAGCGAAGUAUAUAUUAGCUUAAUAAUAAAAUAUUAUUUAGAUAUAUAAACGUUC
AACGACUAGAAGGUGAGUAAGCUAACAAUAACCCUUCCACGAGCGCCCGACAUCUUAAUGAACCAACAAUUACAAUUAAU
UAAAGGUCAUUAUGAUGAUGACAUAGUCUGAACUAAAUAGUGAUAUUUAGAUAUAAUAUUUAAAUGAUAUUAUGAUAACA
AAAUUGAACAGG
;
_entity_poly.pdbx_strand_id   A
#
loop_
_chem_comp.id
_chem_comp.type
_chem_comp.name
_chem_comp.formula
A RNA linking ADENOSINE-5'-MONOPHOSPHATE 'C10 H14 N5 O7 P'
A1BNU non-polymer N~4~-(2-aminoethyl)-N~4~-methylpyrimidine-2,4-diamine 'C7 H13 N5'
C RNA linking CYTIDINE-5'-MONOPHOSPHATE 'C9 H14 N3 O8 P'
CA non-polymer 'CALCIUM ION' 'Ca 2'
G RNA linking GUANOSINE-5'-MONOPHOSPHATE 'C10 H14 N5 O8 P'
K non-polymer 'POTASSIUM ION' 'K 1'
U RNA linking URIDINE-5'-MONOPHOSPHATE 'C9 H13 N2 O9 P'
#
# COMPACT_ATOMS: atom_id res chain seq x y z
C06 A1BNU B . 0.89 0.80 -4.07
C08 A1BNU B . 2.41 2.57 -3.26
C10 A1BNU B . -0.33 2.69 -1.57
N11 A1BNU B . -1.13 3.74 -1.04
C02 A1BNU B . -0.56 -0.77 -4.73
C04 A1BNU B . 1.62 -1.21 -5.04
C05 A1BNU B . 1.92 0.01 -4.49
C09 A1BNU B . -0.03 2.89 -3.05
N01 A1BNU B . -1.92 -1.15 -4.80
N03 A1BNU B . 0.37 -1.57 -5.15
N07 A1BNU B . 1.08 2.09 -3.47
N12 A1BNU B . -0.31 0.37 -4.20
K K C . -5.19 -0.93 7.81
K K D . 9.65 -7.00 14.12
CA CA E . -1.67 -3.52 6.94
CA CA F . -5.55 -6.65 1.74
CA CA G . -0.12 6.25 2.86
CA CA H . -6.67 0.73 12.21
CA CA I . 5.54 0.66 -0.78
#